data_6II1
#
_entry.id   6II1
#
_cell.length_a   63.560
_cell.length_b   76.283
_cell.length_c   109.789
_cell.angle_alpha   90.000
_cell.angle_beta   90.000
_cell.angle_gamma   90.000
#
_symmetry.space_group_name_H-M   'P 21 21 21'
#
loop_
_entity.id
_entity.type
_entity.pdbx_description
1 polymer 'Hemoglobin subunit alpha'
2 polymer 'Hemoglobin subunit beta'
3 non-polymer 'PROTOPORPHYRIN IX CONTAINING FE'
4 non-polymer 'CARBON MONOXIDE'
5 water water
#
loop_
_entity_poly.entity_id
_entity_poly.type
_entity_poly.pdbx_seq_one_letter_code
_entity_poly.pdbx_strand_id
1 'polypeptide(L)'
;VLSAADKGNVKAAWGKVGGHAAEYGAEALERMFLSFPTTKTYFPHFDLSHGSAQVKGHGAKVAAALTKAVEHLDDLPGAL
SELSDLHAHKLRVDPVNFKLLSHSLLVTLASHLPSDFTPAVHASLDKFLANVSTVLTS
;
A,C
2 'polypeptide(L)'
;MLTAEEKAAVTAFWGKVKVDEVGGEALGRLLVVYPWTQRFFESFGDLSTADAVMNNPKVKAHGKKVLDSFSNGMKHLDDL
KGTFAALSELHCDKLHVDPENFKLLGNVLVVVLARNFGKEFTPVLQADFQKVVAGVANALAHRYH
;
B,D
#
loop_
_chem_comp.id
_chem_comp.type
_chem_comp.name
_chem_comp.formula
CMO non-polymer 'CARBON MONOXIDE' 'C O'
HEM non-polymer 'PROTOPORPHYRIN IX CONTAINING FE' 'C34 H32 Fe N4 O4'
#
# COMPACT_ATOMS: atom_id res chain seq x y z
N LEU A 2 -17.99 -8.63 4.00
CA LEU A 2 -18.02 -8.27 5.47
C LEU A 2 -18.68 -9.39 6.28
N SER A 3 -18.17 -9.58 7.49
CA SER A 3 -18.81 -10.46 8.47
C SER A 3 -20.18 -9.91 8.90
N ALA A 4 -21.03 -10.78 9.43
CA ALA A 4 -22.33 -10.36 9.96
C ALA A 4 -22.14 -9.31 11.07
N ALA A 5 -21.14 -9.48 11.95
CA ALA A 5 -20.91 -8.51 13.01
C ALA A 5 -20.51 -7.15 12.41
N ASP A 6 -19.65 -7.18 11.39
CA ASP A 6 -19.23 -5.93 10.75
C ASP A 6 -20.44 -5.26 10.07
N LYS A 7 -21.29 -6.06 9.42
CA LYS A 7 -22.47 -5.50 8.79
C LYS A 7 -23.36 -4.83 9.83
N GLY A 8 -23.54 -5.49 10.98
CA GLY A 8 -24.30 -4.90 12.09
C GLY A 8 -23.74 -3.56 12.52
N ASN A 9 -22.41 -3.48 12.69
CA ASN A 9 -21.80 -2.24 13.15
C ASN A 9 -21.96 -1.14 12.09
N VAL A 10 -21.80 -1.51 10.82
CA VAL A 10 -21.89 -0.55 9.73
C VAL A 10 -23.32 0.01 9.67
N LYS A 11 -24.33 -0.86 9.72
CA LYS A 11 -25.72 -0.39 9.60
C LYS A 11 -26.06 0.49 10.80
N ALA A 12 -25.58 0.10 12.00
CA ALA A 12 -25.89 0.88 13.22
C ALA A 12 -25.21 2.26 13.14
N ALA A 13 -23.94 2.30 12.72
CA ALA A 13 -23.24 3.57 12.63
C ALA A 13 -23.90 4.48 11.59
N TRP A 14 -24.28 3.91 10.44
CA TRP A 14 -24.87 4.70 9.39
C TRP A 14 -26.25 5.21 9.82
N GLY A 15 -26.95 4.44 10.65
CA GLY A 15 -28.17 4.89 11.31
C GLY A 15 -27.94 6.13 12.17
N LYS A 16 -26.84 6.11 12.93
CA LYS A 16 -26.50 7.26 13.81
C LYS A 16 -26.14 8.49 12.96
N VAL A 17 -25.58 8.29 11.77
CA VAL A 17 -25.32 9.40 10.87
C VAL A 17 -26.63 10.11 10.50
N GLY A 18 -27.67 9.29 10.30
CA GLY A 18 -29.01 9.75 10.03
C GLY A 18 -29.05 10.72 8.88
N GLY A 19 -29.63 11.90 9.12
CA GLY A 19 -29.84 12.92 8.12
C GLY A 19 -28.61 13.74 7.76
N HIS A 20 -27.46 13.41 8.37
CA HIS A 20 -26.25 14.18 8.15
C HIS A 20 -25.34 13.58 7.06
N ALA A 21 -25.74 12.49 6.41
CA ALA A 21 -24.84 11.78 5.52
C ALA A 21 -24.27 12.70 4.44
N ALA A 22 -25.12 13.48 3.77
CA ALA A 22 -24.62 14.34 2.69
C ALA A 22 -23.61 15.37 3.22
N GLU A 23 -23.91 15.96 4.38
CA GLU A 23 -22.99 16.91 5.03
C GLU A 23 -21.65 16.22 5.29
N TYR A 24 -21.69 15.00 5.83
CA TYR A 24 -20.44 14.31 6.18
C TYR A 24 -19.69 13.93 4.90
N GLY A 25 -20.39 13.59 3.82
CA GLY A 25 -19.71 13.33 2.55
C GLY A 25 -18.94 14.54 2.04
N ALA A 26 -19.55 15.72 2.13
CA ALA A 26 -18.90 16.95 1.71
C ALA A 26 -17.69 17.24 2.60
N GLU A 27 -17.85 17.08 3.91
CA GLU A 27 -16.74 17.32 4.83
C GLU A 27 -15.59 16.36 4.56
N ALA A 28 -15.91 15.08 4.28
CA ALA A 28 -14.87 14.11 4.00
C ALA A 28 -14.10 14.52 2.74
N LEU A 29 -14.78 14.95 1.70
CA LEU A 29 -14.08 15.43 0.51
C LEU A 29 -13.17 16.60 0.84
N GLU A 30 -13.70 17.57 1.59
CA GLU A 30 -12.90 18.74 1.93
C GLU A 30 -11.63 18.32 2.69
N ARG A 31 -11.80 17.40 3.64
CA ARG A 31 -10.65 16.92 4.44
C ARG A 31 -9.68 16.17 3.50
N MET A 32 -10.18 15.41 2.54
CA MET A 32 -9.30 14.70 1.63
C MET A 32 -8.47 15.73 0.83
N PHE A 33 -9.15 16.73 0.26
CA PHE A 33 -8.47 17.69 -0.61
C PHE A 33 -7.43 18.51 0.17
N LEU A 34 -7.74 18.89 1.40
CA LEU A 34 -6.80 19.67 2.21
C LEU A 34 -5.62 18.83 2.68
N SER A 35 -5.90 17.63 3.13
CA SER A 35 -4.87 16.76 3.70
C SER A 35 -3.96 16.16 2.63
N PHE A 36 -4.54 15.83 1.47
CA PHE A 36 -3.89 15.05 0.44
C PHE A 36 -4.03 15.75 -0.89
N PRO A 37 -3.24 16.82 -1.11
CA PRO A 37 -3.44 17.68 -2.26
C PRO A 37 -3.33 16.98 -3.63
N THR A 38 -2.63 15.84 -3.70
CA THR A 38 -2.59 15.08 -4.95
C THR A 38 -4.03 14.77 -5.43
N THR A 39 -4.99 14.61 -4.51
CA THR A 39 -6.34 14.20 -4.89
C THR A 39 -7.09 15.32 -5.61
N LYS A 40 -6.64 16.56 -5.45
CA LYS A 40 -7.33 17.70 -6.04
C LYS A 40 -7.24 17.64 -7.56
N THR A 41 -6.26 16.94 -8.11
CA THR A 41 -6.08 16.95 -9.54
C THR A 41 -7.15 16.14 -10.27
N TYR A 42 -7.98 15.40 -9.52
CA TYR A 42 -9.13 14.69 -10.09
C TYR A 42 -10.31 15.62 -10.29
N PHE A 43 -10.27 16.81 -9.71
CA PHE A 43 -11.41 17.74 -9.71
C PHE A 43 -10.96 19.14 -10.12
N PRO A 44 -10.18 19.29 -11.22
CA PRO A 44 -9.81 20.64 -11.66
C PRO A 44 -11.02 21.44 -12.15
N HIS A 45 -12.14 20.75 -12.39
CA HIS A 45 -13.37 21.39 -12.84
C HIS A 45 -14.20 21.92 -11.68
N PHE A 46 -13.75 21.67 -10.44
CA PHE A 46 -14.45 22.18 -9.27
C PHE A 46 -13.78 23.43 -8.72
N ASP A 47 -14.62 24.30 -8.16
CA ASP A 47 -14.22 25.20 -7.11
C ASP A 47 -14.08 24.34 -5.85
N LEU A 48 -12.85 24.28 -5.29
CA LEU A 48 -12.57 23.43 -4.13
C LEU A 48 -12.51 24.25 -2.84
N SER A 49 -12.94 25.52 -2.89
CA SER A 49 -12.90 26.33 -1.68
C SER A 49 -13.99 25.86 -0.71
N HIS A 50 -13.78 26.15 0.58
CA HIS A 50 -14.69 25.71 1.63
C HIS A 50 -16.11 26.18 1.29
N GLY A 51 -17.05 25.23 1.40
CA GLY A 51 -18.47 25.50 1.25
C GLY A 51 -18.92 25.65 -0.20
N SER A 52 -18.05 25.30 -1.16
CA SER A 52 -18.42 25.44 -2.56
C SER A 52 -19.62 24.53 -2.85
N ALA A 53 -20.46 24.98 -3.78
CA ALA A 53 -21.63 24.25 -4.23
C ALA A 53 -21.24 22.91 -4.85
N GLN A 54 -20.11 22.89 -5.57
CA GLN A 54 -19.73 21.67 -6.24
C GLN A 54 -19.28 20.62 -5.21
N VAL A 55 -18.50 21.04 -4.21
CA VAL A 55 -18.08 20.08 -3.20
C VAL A 55 -19.30 19.59 -2.40
N LYS A 56 -20.21 20.50 -2.09
CA LYS A 56 -21.44 20.11 -1.35
C LYS A 56 -22.21 19.06 -2.16
N GLY A 57 -22.42 19.35 -3.44
CA GLY A 57 -23.18 18.45 -4.30
C GLY A 57 -22.48 17.12 -4.46
N HIS A 58 -21.15 17.16 -4.63
CA HIS A 58 -20.44 15.91 -4.85
C HIS A 58 -20.41 15.08 -3.56
N GLY A 59 -20.27 15.76 -2.42
CA GLY A 59 -20.30 15.03 -1.16
C GLY A 59 -21.62 14.31 -0.96
N ALA A 60 -22.73 14.93 -1.41
CA ALA A 60 -24.02 14.28 -1.34
C ALA A 60 -24.08 13.03 -2.23
N LYS A 61 -23.45 13.07 -3.40
CA LYS A 61 -23.40 11.92 -4.27
C LYS A 61 -22.59 10.79 -3.63
N VAL A 62 -21.41 11.12 -3.08
CA VAL A 62 -20.60 10.12 -2.43
C VAL A 62 -21.40 9.47 -1.29
N ALA A 63 -22.06 10.29 -0.48
CA ALA A 63 -22.85 9.77 0.65
C ALA A 63 -23.97 8.85 0.15
N ALA A 64 -24.60 9.22 -0.96
CA ALA A 64 -25.71 8.42 -1.47
C ALA A 64 -25.20 7.07 -1.97
N ALA A 65 -23.96 7.05 -2.51
CA ALA A 65 -23.40 5.77 -2.93
C ALA A 65 -23.06 4.91 -1.71
N LEU A 66 -22.56 5.53 -0.64
CA LEU A 66 -22.29 4.76 0.58
C LEU A 66 -23.59 4.26 1.21
N THR A 67 -24.65 5.06 1.19
CA THR A 67 -25.94 4.60 1.67
C THR A 67 -26.40 3.38 0.85
N LYS A 68 -26.25 3.44 -0.48
CA LYS A 68 -26.59 2.33 -1.35
C LYS A 68 -25.79 1.09 -0.96
N ALA A 69 -24.50 1.31 -0.69
CA ALA A 69 -23.64 0.20 -0.27
C ALA A 69 -24.14 -0.41 1.06
N VAL A 70 -24.46 0.42 2.05
CA VAL A 70 -24.95 -0.01 3.36
C VAL A 70 -26.23 -0.84 3.19
N GLU A 71 -27.03 -0.53 2.17
CA GLU A 71 -28.32 -1.19 1.91
C GLU A 71 -28.16 -2.46 1.05
N HIS A 72 -26.95 -2.71 0.55
CA HIS A 72 -26.67 -3.86 -0.32
C HIS A 72 -25.34 -4.53 0.02
N LEU A 73 -25.10 -4.77 1.32
CA LEU A 73 -23.80 -5.23 1.76
C LEU A 73 -23.49 -6.64 1.24
N ASP A 74 -24.54 -7.42 0.90
CA ASP A 74 -24.33 -8.77 0.41
C ASP A 74 -24.08 -8.79 -1.11
N ASP A 75 -24.16 -7.64 -1.79
CA ASP A 75 -23.92 -7.60 -3.23
C ASP A 75 -23.39 -6.24 -3.66
N LEU A 76 -22.23 -5.86 -3.12
CA LEU A 76 -21.62 -4.59 -3.48
C LEU A 76 -21.20 -4.58 -4.95
N PRO A 77 -20.60 -5.67 -5.47
CA PRO A 77 -20.20 -5.67 -6.89
C PRO A 77 -21.37 -5.34 -7.82
N GLY A 78 -22.55 -5.92 -7.54
CA GLY A 78 -23.71 -5.65 -8.33
C GLY A 78 -24.22 -4.23 -8.16
N ALA A 79 -24.42 -3.84 -6.89
CA ALA A 79 -25.02 -2.56 -6.53
C ALA A 79 -24.16 -1.39 -7.04
N LEU A 80 -22.84 -1.56 -7.10
CA LEU A 80 -21.92 -0.48 -7.46
C LEU A 80 -21.33 -0.68 -8.86
N SER A 81 -21.95 -1.47 -9.73
CA SER A 81 -21.35 -1.83 -11.02
C SER A 81 -21.05 -0.58 -11.86
N GLU A 82 -22.01 0.34 -11.95
CA GLU A 82 -21.88 1.53 -12.79
C GLU A 82 -20.74 2.40 -12.20
N LEU A 83 -20.73 2.55 -10.86
N LEU A 83 -20.72 2.54 -10.87
CA LEU A 83 -19.74 3.35 -10.16
CA LEU A 83 -19.73 3.38 -10.21
C LEU A 83 -18.33 2.78 -10.34
C LEU A 83 -18.31 2.78 -10.33
N SER A 84 -18.21 1.45 -10.32
CA SER A 84 -16.93 0.77 -10.54
C SER A 84 -16.40 1.06 -11.95
N ASP A 85 -17.27 0.92 -12.96
CA ASP A 85 -16.87 1.21 -14.33
C ASP A 85 -16.37 2.66 -14.44
N LEU A 86 -17.13 3.58 -13.82
CA LEU A 86 -16.77 4.98 -13.89
C LEU A 86 -15.39 5.21 -13.26
N HIS A 87 -15.17 4.70 -12.04
CA HIS A 87 -13.93 5.01 -11.33
C HIS A 87 -12.73 4.28 -11.93
N ALA A 88 -12.89 3.02 -12.31
CA ALA A 88 -11.77 2.22 -12.74
C ALA A 88 -11.51 2.42 -14.24
N HIS A 89 -12.54 2.43 -15.06
CA HIS A 89 -12.32 2.45 -16.51
C HIS A 89 -12.27 3.87 -17.05
N LYS A 90 -13.24 4.72 -16.70
CA LYS A 90 -13.29 6.09 -17.25
C LYS A 90 -12.27 7.01 -16.55
N LEU A 91 -12.37 7.10 -15.23
CA LEU A 91 -11.60 8.08 -14.43
C LEU A 91 -10.19 7.57 -14.10
N ARG A 92 -9.98 6.25 -14.16
CA ARG A 92 -8.65 5.67 -13.87
C ARG A 92 -8.15 6.16 -12.51
N VAL A 93 -8.99 6.05 -11.48
CA VAL A 93 -8.60 6.52 -10.16
C VAL A 93 -7.55 5.56 -9.56
N ASP A 94 -6.45 6.14 -9.09
CA ASP A 94 -5.41 5.41 -8.44
C ASP A 94 -5.95 4.77 -7.17
N PRO A 95 -5.75 3.45 -6.97
CA PRO A 95 -6.22 2.78 -5.76
C PRO A 95 -5.81 3.46 -4.45
N VAL A 96 -4.63 4.11 -4.43
CA VAL A 96 -4.21 4.77 -3.19
C VAL A 96 -5.24 5.79 -2.74
N ASN A 97 -5.86 6.47 -3.71
CA ASN A 97 -6.72 7.58 -3.37
C ASN A 97 -7.98 7.12 -2.64
N PHE A 98 -8.38 5.86 -2.86
CA PHE A 98 -9.49 5.33 -2.08
C PHE A 98 -9.14 5.22 -0.60
N LYS A 99 -7.88 4.89 -0.30
CA LYS A 99 -7.44 4.84 1.08
C LYS A 99 -7.51 6.25 1.69
N LEU A 100 -7.17 7.25 0.88
CA LEU A 100 -7.15 8.62 1.40
C LEU A 100 -8.57 9.12 1.67
N LEU A 101 -9.50 8.84 0.75
CA LEU A 101 -10.91 9.21 1.01
C LEU A 101 -11.47 8.40 2.18
N SER A 102 -11.12 7.11 2.26
CA SER A 102 -11.65 6.28 3.35
C SER A 102 -11.21 6.83 4.70
N HIS A 103 -9.91 7.16 4.80
CA HIS A 103 -9.41 7.74 6.03
C HIS A 103 -10.14 9.06 6.35
N SER A 104 -10.36 9.89 5.33
CA SER A 104 -11.03 11.15 5.50
C SER A 104 -12.47 10.96 6.01
N LEU A 105 -13.14 9.92 5.52
CA LEU A 105 -14.48 9.54 5.99
C LEU A 105 -14.43 9.07 7.46
N LEU A 106 -13.42 8.25 7.82
CA LEU A 106 -13.32 7.83 9.23
C LEU A 106 -13.09 9.03 10.15
N VAL A 107 -12.22 9.96 9.73
CA VAL A 107 -11.97 11.15 10.55
C VAL A 107 -13.28 11.91 10.75
N THR A 108 -14.05 12.06 9.65
CA THR A 108 -15.30 12.79 9.71
C THR A 108 -16.30 12.11 10.66
N LEU A 109 -16.42 10.79 10.53
CA LEU A 109 -17.38 10.06 11.36
C LEU A 109 -16.95 10.10 12.83
N ALA A 110 -15.64 9.95 13.10
CA ALA A 110 -15.15 10.01 14.47
C ALA A 110 -15.44 11.38 15.08
N SER A 111 -15.26 12.43 14.26
CA SER A 111 -15.48 13.81 14.72
C SER A 111 -16.92 14.00 15.19
N HIS A 112 -17.85 13.46 14.42
CA HIS A 112 -19.26 13.76 14.64
C HIS A 112 -19.99 12.74 15.53
N LEU A 113 -19.45 11.53 15.64
CA LEU A 113 -20.09 10.47 16.39
C LEU A 113 -19.14 9.91 17.45
N PRO A 114 -18.58 10.78 18.33
CA PRO A 114 -17.51 10.31 19.21
C PRO A 114 -17.94 9.21 20.20
N SER A 115 -19.21 9.21 20.62
CA SER A 115 -19.72 8.21 21.53
C SER A 115 -19.93 6.86 20.82
N ASP A 116 -20.31 6.90 19.54
CA ASP A 116 -20.69 5.71 18.78
C ASP A 116 -19.47 5.10 18.06
N PHE A 117 -18.41 5.87 17.93
CA PHE A 117 -17.24 5.46 17.14
C PHE A 117 -16.29 4.70 18.08
N THR A 118 -16.72 3.53 18.52
CA THR A 118 -15.93 2.69 19.38
C THR A 118 -14.79 2.05 18.57
N PRO A 119 -13.80 1.44 19.23
CA PRO A 119 -12.77 0.70 18.50
C PRO A 119 -13.35 -0.36 17.56
N ALA A 120 -14.34 -1.14 18.03
CA ALA A 120 -14.93 -2.16 17.16
C ALA A 120 -15.66 -1.55 15.96
N VAL A 121 -16.39 -0.45 16.20
CA VAL A 121 -17.11 0.20 15.12
C VAL A 121 -16.15 0.78 14.08
N HIS A 122 -15.08 1.39 14.59
CA HIS A 122 -13.99 1.91 13.75
C HIS A 122 -13.44 0.79 12.85
N ALA A 123 -13.18 -0.37 13.45
CA ALA A 123 -12.65 -1.50 12.69
C ALA A 123 -13.65 -1.92 11.60
N SER A 124 -14.93 -2.01 11.97
CA SER A 124 -15.94 -2.45 10.99
C SER A 124 -16.07 -1.43 9.85
N LEU A 125 -16.10 -0.15 10.19
CA LEU A 125 -16.18 0.90 9.16
C LEU A 125 -14.96 0.91 8.24
N ASP A 126 -13.79 0.67 8.83
CA ASP A 126 -12.57 0.55 8.04
C ASP A 126 -12.73 -0.56 6.99
N LYS A 127 -13.19 -1.74 7.45
CA LYS A 127 -13.34 -2.87 6.53
C LYS A 127 -14.39 -2.58 5.47
N PHE A 128 -15.49 -1.93 5.88
CA PHE A 128 -16.54 -1.55 4.92
C PHE A 128 -15.95 -0.67 3.82
N LEU A 129 -15.24 0.39 4.22
CA LEU A 129 -14.75 1.34 3.22
C LEU A 129 -13.69 0.68 2.35
N ALA A 130 -12.88 -0.21 2.93
CA ALA A 130 -11.91 -0.96 2.14
C ALA A 130 -12.65 -1.88 1.14
N ASN A 131 -13.77 -2.49 1.54
CA ASN A 131 -14.54 -3.36 0.66
C ASN A 131 -15.15 -2.55 -0.49
N VAL A 132 -15.72 -1.39 -0.17
CA VAL A 132 -16.26 -0.51 -1.21
C VAL A 132 -15.13 -0.14 -2.19
N SER A 133 -13.97 0.22 -1.61
CA SER A 133 -12.81 0.63 -2.42
C SER A 133 -12.36 -0.49 -3.37
N THR A 134 -12.33 -1.74 -2.86
CA THR A 134 -11.96 -2.89 -3.68
C THR A 134 -12.93 -3.01 -4.86
N VAL A 135 -14.22 -2.89 -4.57
CA VAL A 135 -15.20 -3.03 -5.63
C VAL A 135 -15.01 -1.92 -6.68
N LEU A 136 -14.78 -0.68 -6.24
CA LEU A 136 -14.68 0.45 -7.17
C LEU A 136 -13.39 0.44 -7.98
N THR A 137 -12.39 -0.35 -7.55
CA THR A 137 -11.10 -0.48 -8.26
C THR A 137 -10.96 -1.82 -8.96
N SER A 138 -12.02 -2.63 -8.99
CA SER A 138 -11.95 -3.89 -9.70
C SER A 138 -12.38 -3.66 -11.16
N LEU B 2 6.05 21.88 7.18
CA LEU B 2 4.94 22.82 7.57
C LEU B 2 5.42 24.25 7.46
N THR B 3 4.50 25.16 7.13
CA THR B 3 4.78 26.54 7.17
C THR B 3 4.84 26.98 8.64
N ALA B 4 5.36 28.19 8.88
CA ALA B 4 5.40 28.73 10.24
C ALA B 4 3.98 28.82 10.81
N GLU B 5 3.01 29.27 9.99
CA GLU B 5 1.62 29.37 10.44
C GLU B 5 1.10 27.98 10.83
N GLU B 6 1.37 26.95 10.01
CA GLU B 6 0.90 25.59 10.29
C GLU B 6 1.57 25.06 11.54
N LYS B 7 2.86 25.32 11.70
CA LYS B 7 3.58 24.88 12.92
C LYS B 7 2.94 25.53 14.15
N ALA B 8 2.63 26.82 14.08
CA ALA B 8 2.02 27.51 15.22
C ALA B 8 0.68 26.86 15.56
N ALA B 9 -0.08 26.54 14.52
CA ALA B 9 -1.41 25.96 14.73
C ALA B 9 -1.31 24.58 15.40
N VAL B 10 -0.38 23.73 14.93
CA VAL B 10 -0.26 22.40 15.52
C VAL B 10 0.33 22.47 16.93
N THR B 11 1.26 23.39 17.15
CA THR B 11 1.88 23.60 18.46
C THR B 11 0.78 23.99 19.47
N ALA B 12 -0.06 24.94 19.07
CA ALA B 12 -1.09 25.43 19.96
C ALA B 12 -2.06 24.30 20.29
N PHE B 13 -2.47 23.57 19.26
CA PHE B 13 -3.43 22.48 19.49
C PHE B 13 -2.83 21.42 20.39
N TRP B 14 -1.56 21.07 20.15
CA TRP B 14 -0.92 19.99 20.89
C TRP B 14 -0.91 20.27 22.40
N GLY B 15 -0.80 21.55 22.77
CA GLY B 15 -0.83 21.95 24.16
C GLY B 15 -2.09 21.53 24.90
N LYS B 16 -3.19 21.38 24.15
CA LYS B 16 -4.49 21.05 24.71
C LYS B 16 -4.67 19.53 24.87
N VAL B 17 -3.79 18.75 24.25
CA VAL B 17 -3.98 17.33 24.13
C VAL B 17 -3.52 16.68 25.44
N LYS B 18 -4.36 15.77 25.95
CA LYS B 18 -4.01 14.88 27.06
C LYS B 18 -3.27 13.66 26.50
N VAL B 19 -1.94 13.71 26.44
CA VAL B 19 -1.13 12.72 25.68
C VAL B 19 -1.22 11.29 26.24
N ASP B 20 -1.33 11.17 27.58
CA ASP B 20 -1.49 9.84 28.18
C ASP B 20 -2.76 9.16 27.64
N GLU B 21 -3.89 9.87 27.70
CA GLU B 21 -5.16 9.30 27.30
C GLU B 21 -5.14 9.03 25.79
N VAL B 22 -4.74 10.03 25.01
CA VAL B 22 -4.77 9.96 23.56
C VAL B 22 -3.84 8.85 23.07
N GLY B 23 -2.65 8.74 23.67
CA GLY B 23 -1.70 7.76 23.22
C GLY B 23 -2.16 6.34 23.46
N GLY B 24 -2.72 6.08 24.63
CA GLY B 24 -3.30 4.80 24.91
C GLY B 24 -4.44 4.45 23.96
N GLU B 25 -5.29 5.43 23.65
CA GLU B 25 -6.41 5.17 22.73
C GLU B 25 -5.85 4.85 21.35
N ALA B 26 -4.87 5.63 20.88
CA ALA B 26 -4.33 5.44 19.53
C ALA B 26 -3.67 4.05 19.42
N LEU B 27 -2.83 3.68 20.38
CA LEU B 27 -2.18 2.40 20.28
C LEU B 27 -3.21 1.27 20.37
N GLY B 28 -4.17 1.39 21.30
CA GLY B 28 -5.18 0.37 21.39
C GLY B 28 -5.97 0.23 20.08
N ARG B 29 -6.37 1.35 19.48
CA ARG B 29 -7.09 1.29 18.20
C ARG B 29 -6.22 0.65 17.11
N LEU B 30 -4.91 0.94 17.08
CA LEU B 30 -4.06 0.29 16.09
C LEU B 30 -4.18 -1.24 16.24
N LEU B 31 -4.08 -1.71 17.48
CA LEU B 31 -4.07 -3.13 17.73
C LEU B 31 -5.43 -3.78 17.39
N VAL B 32 -6.51 -3.02 17.56
CA VAL B 32 -7.85 -3.54 17.29
C VAL B 32 -8.14 -3.50 15.78
N VAL B 33 -7.85 -2.35 15.15
CA VAL B 33 -8.26 -2.13 13.77
C VAL B 33 -7.33 -2.88 12.81
N TYR B 34 -6.05 -3.05 13.20
CA TYR B 34 -5.05 -3.66 12.36
C TYR B 34 -4.39 -4.80 13.13
N PRO B 35 -5.10 -5.94 13.31
CA PRO B 35 -4.71 -6.88 14.36
C PRO B 35 -3.37 -7.58 14.17
N TRP B 36 -2.82 -7.56 12.95
CA TRP B 36 -1.49 -8.13 12.74
C TRP B 36 -0.45 -7.37 13.58
N THR B 37 -0.73 -6.11 13.94
CA THR B 37 0.21 -5.34 14.73
C THR B 37 0.39 -5.95 16.13
N GLN B 38 -0.54 -6.78 16.57
CA GLN B 38 -0.43 -7.45 17.88
C GLN B 38 0.78 -8.40 17.91
N ARG B 39 1.28 -8.84 16.75
CA ARG B 39 2.47 -9.69 16.66
C ARG B 39 3.62 -9.11 17.45
N PHE B 40 3.73 -7.78 17.49
CA PHE B 40 4.84 -7.08 18.09
C PHE B 40 4.68 -6.86 19.60
N PHE B 41 3.55 -7.25 20.20
CA PHE B 41 3.21 -6.90 21.57
C PHE B 41 2.80 -8.13 22.39
N GLU B 42 3.43 -9.27 22.11
CA GLU B 42 3.12 -10.52 22.80
C GLU B 42 3.31 -10.38 24.32
N SER B 43 4.29 -9.57 24.73
CA SER B 43 4.64 -9.46 26.14
C SER B 43 3.63 -8.59 26.89
N PHE B 44 2.63 -8.02 26.20
CA PHE B 44 1.74 -7.03 26.82
C PHE B 44 0.55 -7.71 27.49
N GLY B 45 0.46 -9.04 27.39
CA GLY B 45 -0.59 -9.79 28.07
C GLY B 45 -1.88 -9.84 27.25
N ASP B 46 -3.03 -9.53 27.89
CA ASP B 46 -4.34 -9.80 27.34
C ASP B 46 -4.67 -8.80 26.22
N LEU B 47 -4.65 -9.29 24.97
CA LEU B 47 -5.09 -8.51 23.80
C LEU B 47 -6.23 -9.24 23.09
N SER B 48 -6.96 -10.08 23.83
CA SER B 48 -7.85 -11.11 23.25
C SER B 48 -9.12 -10.49 22.63
N THR B 49 -9.52 -9.32 23.14
CA THR B 49 -10.75 -8.65 22.71
C THR B 49 -10.48 -7.15 22.65
N ALA B 50 -11.38 -6.41 21.98
CA ALA B 50 -11.23 -4.94 21.90
C ALA B 50 -11.18 -4.34 23.32
N ASP B 51 -12.11 -4.75 24.19
CA ASP B 51 -12.14 -4.22 25.54
C ASP B 51 -10.85 -4.56 26.28
N ALA B 52 -10.33 -5.78 26.12
CA ALA B 52 -9.09 -6.16 26.81
C ALA B 52 -7.94 -5.27 26.33
N VAL B 53 -7.89 -5.04 25.01
CA VAL B 53 -6.85 -4.20 24.43
C VAL B 53 -6.91 -2.78 25.02
N MET B 54 -8.10 -2.18 25.00
CA MET B 54 -8.24 -0.77 25.31
C MET B 54 -7.94 -0.53 26.80
N ASN B 55 -8.25 -1.53 27.64
CA ASN B 55 -8.12 -1.43 29.07
C ASN B 55 -6.80 -2.02 29.61
N ASN B 56 -5.98 -2.54 28.72
CA ASN B 56 -4.73 -3.17 29.09
C ASN B 56 -3.77 -2.10 29.61
N PRO B 57 -3.30 -2.16 30.88
CA PRO B 57 -2.41 -1.13 31.39
C PRO B 57 -1.10 -0.95 30.62
N LYS B 58 -0.56 -2.02 30.06
CA LYS B 58 0.70 -1.95 29.31
C LYS B 58 0.46 -1.24 27.96
N VAL B 59 -0.72 -1.43 27.36
CA VAL B 59 -1.05 -0.70 26.12
C VAL B 59 -1.12 0.81 26.43
N LYS B 60 -1.80 1.15 27.53
CA LYS B 60 -1.96 2.55 27.89
C LYS B 60 -0.59 3.18 28.19
N ALA B 61 0.26 2.49 28.96
CA ALA B 61 1.57 3.00 29.34
C ALA B 61 2.45 3.16 28.09
N HIS B 62 2.41 2.18 27.19
CA HIS B 62 3.21 2.26 25.98
C HIS B 62 2.72 3.41 25.10
N GLY B 63 1.41 3.55 24.97
CA GLY B 63 0.85 4.58 24.15
C GLY B 63 1.27 5.97 24.60
N LYS B 64 1.36 6.16 25.92
CA LYS B 64 1.87 7.40 26.48
C LYS B 64 3.31 7.65 25.99
N LYS B 65 4.14 6.61 26.01
CA LYS B 65 5.54 6.77 25.58
C LYS B 65 5.61 7.09 24.08
N VAL B 66 4.77 6.44 23.28
CA VAL B 66 4.73 6.72 21.86
C VAL B 66 4.40 8.20 21.65
N LEU B 67 3.38 8.68 22.36
CA LEU B 67 2.98 10.06 22.17
C LEU B 67 4.02 11.03 22.74
N ASP B 68 4.80 10.65 23.77
CA ASP B 68 5.92 11.48 24.21
C ASP B 68 6.91 11.68 23.05
N SER B 69 7.12 10.67 22.21
CA SER B 69 8.03 10.83 21.08
C SER B 69 7.42 11.77 20.04
N PHE B 70 6.09 11.70 19.81
N PHE B 70 6.10 11.70 19.84
CA PHE B 70 5.42 12.68 18.94
CA PHE B 70 5.39 12.65 19.00
C PHE B 70 5.61 14.10 19.51
C PHE B 70 5.60 14.08 19.51
N SER B 71 5.49 14.26 20.84
CA SER B 71 5.70 15.58 21.47
C SER B 71 7.09 16.12 21.15
N ASN B 72 8.12 15.24 21.18
CA ASN B 72 9.47 15.66 20.83
C ASN B 72 9.51 16.09 19.35
N GLY B 73 8.86 15.30 18.49
CA GLY B 73 8.82 15.64 17.06
C GLY B 73 8.17 16.99 16.83
N MET B 74 7.11 17.28 17.59
CA MET B 74 6.35 18.53 17.46
C MET B 74 7.25 19.74 17.72
N LYS B 75 8.37 19.55 18.43
CA LYS B 75 9.33 20.64 18.68
C LYS B 75 10.44 20.73 17.61
N HIS B 76 10.46 19.79 16.66
CA HIS B 76 11.52 19.64 15.68
C HIS B 76 10.97 19.30 14.31
N LEU B 77 9.97 20.06 13.89
CA LEU B 77 9.22 19.67 12.71
C LEU B 77 10.05 19.82 11.44
N ASP B 78 11.15 20.61 11.50
CA ASP B 78 12.06 20.70 10.35
C ASP B 78 13.24 19.73 10.49
N ASP B 79 13.25 18.90 11.53
CA ASP B 79 14.33 17.92 11.64
C ASP B 79 13.80 16.62 12.22
N LEU B 80 12.74 16.12 11.61
CA LEU B 80 12.15 14.90 12.10
C LEU B 80 13.10 13.74 11.88
N LYS B 81 13.89 13.78 10.79
CA LYS B 81 14.81 12.70 10.47
C LYS B 81 15.77 12.49 11.65
N GLY B 82 16.35 13.58 12.13
CA GLY B 82 17.27 13.52 13.26
C GLY B 82 16.57 13.07 14.54
N THR B 83 15.38 13.63 14.76
CA THR B 83 14.64 13.42 15.99
C THR B 83 14.31 11.93 16.13
N PHE B 84 13.95 11.28 15.02
CA PHE B 84 13.46 9.90 15.03
C PHE B 84 14.51 8.89 14.58
N ALA B 85 15.79 9.32 14.49
CA ALA B 85 16.79 8.45 13.95
C ALA B 85 16.99 7.21 14.80
N ALA B 86 17.14 7.38 16.13
CA ALA B 86 17.35 6.24 17.01
C ALA B 86 16.14 5.29 16.97
N LEU B 87 14.95 5.88 16.98
CA LEU B 87 13.70 5.06 16.95
C LEU B 87 13.53 4.36 15.61
N SER B 88 14.05 4.96 14.53
CA SER B 88 14.08 4.34 13.24
C SER B 88 14.91 3.06 13.28
N GLU B 89 16.14 3.17 13.80
CA GLU B 89 17.03 2.03 13.99
C GLU B 89 16.28 0.94 14.75
N LEU B 90 15.67 1.30 15.86
CA LEU B 90 15.00 0.33 16.72
C LEU B 90 13.87 -0.37 15.97
N HIS B 91 12.99 0.40 15.35
CA HIS B 91 11.79 -0.18 14.74
C HIS B 91 12.13 -0.96 13.47
N CYS B 92 13.13 -0.48 12.71
CA CYS B 92 13.45 -1.03 11.39
C CYS B 92 14.44 -2.19 11.60
N ASP B 93 15.58 -1.92 12.25
CA ASP B 93 16.71 -2.88 12.31
C ASP B 93 16.48 -3.93 13.40
N LYS B 94 15.85 -3.59 14.53
CA LYS B 94 15.72 -4.52 15.67
C LYS B 94 14.35 -5.21 15.69
N LEU B 95 13.27 -4.45 15.48
CA LEU B 95 11.88 -4.97 15.58
C LEU B 95 11.34 -5.41 14.20
N HIS B 96 11.91 -4.91 13.10
CA HIS B 96 11.51 -5.27 11.74
C HIS B 96 10.02 -5.02 11.52
N VAL B 97 9.58 -3.84 11.97
CA VAL B 97 8.21 -3.37 11.71
C VAL B 97 8.18 -2.87 10.26
N ASP B 98 7.23 -3.35 9.47
CA ASP B 98 7.11 -2.82 8.14
C ASP B 98 6.73 -1.35 8.24
N PRO B 99 7.38 -0.47 7.45
CA PRO B 99 7.10 0.96 7.54
C PRO B 99 5.68 1.42 7.17
N GLU B 100 4.91 0.62 6.45
CA GLU B 100 3.52 0.95 6.20
C GLU B 100 2.79 1.19 7.52
N ASN B 101 3.17 0.43 8.56
CA ASN B 101 2.46 0.53 9.81
C ASN B 101 2.69 1.88 10.49
N PHE B 102 3.82 2.56 10.19
CA PHE B 102 4.04 3.87 10.77
C PHE B 102 2.97 4.86 10.29
N LYS B 103 2.63 4.75 9.00
CA LYS B 103 1.56 5.57 8.42
C LYS B 103 0.22 5.22 9.08
N LEU B 104 -0.02 3.92 9.29
CA LEU B 104 -1.27 3.52 9.90
C LEU B 104 -1.42 4.08 11.30
N LEU B 105 -0.36 4.03 12.12
CA LEU B 105 -0.50 4.55 13.51
C LEU B 105 -0.70 6.07 13.47
N GLY B 106 0.03 6.76 12.58
CA GLY B 106 -0.18 8.19 12.47
C GLY B 106 -1.62 8.54 12.10
N ASN B 107 -2.19 7.78 11.18
CA ASN B 107 -3.58 8.03 10.78
C ASN B 107 -4.56 7.68 11.90
N VAL B 108 -4.28 6.63 12.67
CA VAL B 108 -5.13 6.33 13.84
C VAL B 108 -5.05 7.47 14.84
N LEU B 109 -3.84 8.01 15.07
CA LEU B 109 -3.74 9.13 15.98
C LEU B 109 -4.64 10.28 15.51
N VAL B 110 -4.62 10.59 14.21
CA VAL B 110 -5.47 11.64 13.69
C VAL B 110 -6.95 11.34 13.92
N VAL B 111 -7.37 10.09 13.69
CA VAL B 111 -8.77 9.70 14.01
C VAL B 111 -9.08 9.92 15.50
N VAL B 112 -8.15 9.57 16.37
CA VAL B 112 -8.33 9.74 17.80
C VAL B 112 -8.45 11.22 18.16
N LEU B 113 -7.59 12.06 17.58
CA LEU B 113 -7.70 13.48 17.85
C LEU B 113 -9.07 14.01 17.40
N ALA B 114 -9.52 13.54 16.22
CA ALA B 114 -10.82 13.92 15.72
C ALA B 114 -11.92 13.51 16.72
N ARG B 115 -11.85 12.26 17.19
CA ARG B 115 -12.87 11.77 18.08
C ARG B 115 -12.92 12.60 19.36
N ASN B 116 -11.75 13.00 19.87
CA ASN B 116 -11.63 13.64 21.16
C ASN B 116 -11.85 15.16 21.11
N PHE B 117 -11.76 15.79 19.93
CA PHE B 117 -11.80 17.24 19.86
C PHE B 117 -12.92 17.80 19.00
N GLY B 118 -13.69 16.96 18.31
CA GLY B 118 -14.88 17.45 17.65
C GLY B 118 -14.62 18.64 16.74
N LYS B 119 -15.44 19.68 16.87
CA LYS B 119 -15.44 20.80 15.92
C LYS B 119 -14.12 21.57 15.98
N GLU B 120 -13.37 21.44 17.06
CA GLU B 120 -12.07 22.12 17.19
C GLU B 120 -11.05 21.52 16.20
N PHE B 121 -11.21 20.24 15.86
CA PHE B 121 -10.28 19.58 14.95
C PHE B 121 -10.73 19.79 13.50
N THR B 122 -10.54 21.02 13.03
CA THR B 122 -11.05 21.47 11.76
C THR B 122 -10.38 20.75 10.61
N PRO B 123 -10.94 20.83 9.38
CA PRO B 123 -10.23 20.34 8.20
C PRO B 123 -8.81 20.92 8.07
N VAL B 124 -8.64 22.22 8.29
CA VAL B 124 -7.32 22.80 8.15
C VAL B 124 -6.36 22.25 9.22
N LEU B 125 -6.82 22.18 10.49
CA LEU B 125 -5.93 21.70 11.55
C LEU B 125 -5.58 20.23 11.31
N GLN B 126 -6.58 19.43 10.89
CA GLN B 126 -6.32 18.06 10.64
C GLN B 126 -5.33 17.89 9.48
N ALA B 127 -5.44 18.73 8.43
CA ALA B 127 -4.51 18.65 7.32
C ALA B 127 -3.09 18.95 7.82
N ASP B 128 -2.94 19.91 8.74
CA ASP B 128 -1.63 20.20 9.32
C ASP B 128 -1.08 18.98 10.05
N PHE B 129 -1.94 18.31 10.84
CA PHE B 129 -1.52 17.09 11.51
C PHE B 129 -1.23 15.97 10.53
N GLN B 130 -1.91 15.92 9.37
CA GLN B 130 -1.51 14.95 8.37
C GLN B 130 -0.08 15.18 7.88
N LYS B 131 0.32 16.44 7.73
CA LYS B 131 1.69 16.74 7.35
C LYS B 131 2.65 16.27 8.45
N VAL B 132 2.28 16.45 9.71
CA VAL B 132 3.10 16.00 10.81
C VAL B 132 3.28 14.48 10.78
N VAL B 133 2.15 13.76 10.73
CA VAL B 133 2.24 12.29 10.85
C VAL B 133 2.94 11.70 9.62
N ALA B 134 2.78 12.33 8.44
CA ALA B 134 3.54 11.88 7.26
C ALA B 134 5.05 12.08 7.49
N GLY B 135 5.40 13.20 8.08
CA GLY B 135 6.80 13.48 8.36
C GLY B 135 7.38 12.49 9.36
N VAL B 136 6.60 12.17 10.41
CA VAL B 136 7.07 11.23 11.40
C VAL B 136 7.24 9.85 10.77
N ALA B 137 6.25 9.41 9.97
CA ALA B 137 6.33 8.08 9.37
C ALA B 137 7.56 8.01 8.45
N ASN B 138 7.78 9.08 7.68
CA ASN B 138 8.90 9.12 6.76
C ASN B 138 10.23 9.05 7.52
N ALA B 139 10.32 9.78 8.63
CA ALA B 139 11.53 9.78 9.46
C ALA B 139 11.78 8.40 10.06
N LEU B 140 10.71 7.76 10.53
CA LEU B 140 10.85 6.46 11.13
C LEU B 140 11.27 5.41 10.12
N ALA B 141 10.88 5.56 8.85
CA ALA B 141 11.23 4.62 7.80
C ALA B 141 12.64 4.84 7.26
N HIS B 142 13.36 5.89 7.70
CA HIS B 142 14.55 6.33 6.98
C HIS B 142 15.65 5.26 6.99
N ARG B 143 15.75 4.46 8.07
CA ARG B 143 16.76 3.38 8.15
C ARG B 143 16.49 2.25 7.14
N TYR B 144 15.28 2.21 6.57
CA TYR B 144 15.07 1.40 5.39
C TYR B 144 15.69 2.11 4.17
N VAL C 1 -12.39 -14.06 -6.91
CA VAL C 1 -13.14 -12.97 -7.62
C VAL C 1 -12.56 -12.75 -9.03
N LEU C 2 -11.65 -13.61 -9.50
CA LEU C 2 -10.98 -13.37 -10.79
C LEU C 2 -11.99 -13.39 -11.94
N SER C 3 -11.70 -12.60 -12.97
CA SER C 3 -12.48 -12.66 -14.23
C SER C 3 -12.24 -14.00 -14.94
N ALA C 4 -13.14 -14.33 -15.87
CA ALA C 4 -12.95 -15.52 -16.70
C ALA C 4 -11.61 -15.48 -17.44
N ALA C 5 -11.25 -14.31 -18.00
CA ALA C 5 -10.00 -14.19 -18.74
C ALA C 5 -8.80 -14.45 -17.81
N ASP C 6 -8.88 -13.89 -16.60
CA ASP C 6 -7.79 -14.06 -15.66
C ASP C 6 -7.68 -15.52 -15.22
N LYS C 7 -8.83 -16.16 -14.98
CA LYS C 7 -8.83 -17.57 -14.61
C LYS C 7 -8.17 -18.40 -15.71
N GLY C 8 -8.54 -18.13 -16.97
CA GLY C 8 -7.93 -18.84 -18.07
C GLY C 8 -6.42 -18.70 -18.11
N ASN C 9 -5.95 -17.46 -17.95
CA ASN C 9 -4.51 -17.20 -18.03
C ASN C 9 -3.78 -17.88 -16.85
N VAL C 10 -4.38 -17.82 -15.65
CA VAL C 10 -3.77 -18.44 -14.48
C VAL C 10 -3.67 -19.95 -14.66
N LYS C 11 -4.74 -20.59 -15.12
CA LYS C 11 -4.72 -22.06 -15.28
C LYS C 11 -3.69 -22.44 -16.33
N ALA C 12 -3.60 -21.66 -17.42
CA ALA C 12 -2.67 -21.97 -18.50
C ALA C 12 -1.22 -21.80 -18.01
N ALA C 13 -0.94 -20.70 -17.31
CA ALA C 13 0.42 -20.45 -16.85
C ALA C 13 0.83 -21.49 -15.81
N TRP C 14 -0.09 -21.81 -14.90
CA TRP C 14 0.25 -22.76 -13.86
C TRP C 14 0.43 -24.16 -14.46
N GLY C 15 -0.30 -24.46 -15.53
CA GLY C 15 -0.05 -25.69 -16.29
C GLY C 15 1.36 -25.75 -16.84
N LYS C 16 1.84 -24.60 -17.34
CA LYS C 16 3.18 -24.54 -17.90
C LYS C 16 4.26 -24.71 -16.80
N VAL C 17 3.95 -24.26 -15.59
CA VAL C 17 4.82 -24.46 -14.46
C VAL C 17 5.01 -25.96 -14.22
N GLY C 18 3.90 -26.71 -14.35
CA GLY C 18 3.88 -28.15 -14.26
C GLY C 18 4.62 -28.65 -13.05
N GLY C 19 5.56 -29.56 -13.29
CA GLY C 19 6.30 -30.24 -12.24
C GLY C 19 7.47 -29.45 -11.67
N HIS C 20 7.53 -28.15 -11.95
CA HIS C 20 8.52 -27.26 -11.39
C HIS C 20 7.93 -26.35 -10.31
N ALA C 21 6.66 -26.55 -9.94
CA ALA C 21 6.02 -25.60 -9.03
C ALA C 21 6.78 -25.52 -7.71
N ALA C 22 7.16 -26.65 -7.13
CA ALA C 22 7.86 -26.61 -5.84
C ALA C 22 9.20 -25.86 -5.96
N GLU C 23 9.92 -26.12 -7.04
CA GLU C 23 11.18 -25.43 -7.29
C GLU C 23 10.94 -23.92 -7.34
N TYR C 24 9.90 -23.50 -8.05
CA TYR C 24 9.65 -22.08 -8.17
C TYR C 24 9.22 -21.49 -6.84
N GLY C 25 8.44 -22.24 -6.04
CA GLY C 25 8.05 -21.76 -4.74
C GLY C 25 9.26 -21.52 -3.84
N ALA C 26 10.20 -22.45 -3.89
CA ALA C 26 11.41 -22.35 -3.09
C ALA C 26 12.24 -21.14 -3.55
N GLU C 27 12.37 -20.97 -4.86
CA GLU C 27 13.14 -19.82 -5.37
C GLU C 27 12.47 -18.50 -4.99
N ALA C 28 11.14 -18.45 -5.06
CA ALA C 28 10.43 -17.26 -4.67
C ALA C 28 10.70 -16.92 -3.21
N LEU C 29 10.64 -17.91 -2.32
CA LEU C 29 10.96 -17.65 -0.91
C LEU C 29 12.39 -17.11 -0.80
N GLU C 30 13.33 -17.76 -1.47
CA GLU C 30 14.74 -17.33 -1.40
C GLU C 30 14.88 -15.87 -1.82
N ARG C 31 14.24 -15.52 -2.94
CA ARG C 31 14.28 -14.16 -3.43
C ARG C 31 13.60 -13.20 -2.44
N MET C 32 12.51 -13.61 -1.80
CA MET C 32 11.85 -12.77 -0.83
C MET C 32 12.81 -12.49 0.34
N PHE C 33 13.42 -13.55 0.88
CA PHE C 33 14.25 -13.41 2.08
C PHE C 33 15.47 -12.54 1.76
N LEU C 34 16.06 -12.71 0.57
CA LEU C 34 17.27 -11.95 0.23
C LEU C 34 16.92 -10.48 -0.07
N SER C 35 15.84 -10.24 -0.80
CA SER C 35 15.52 -8.88 -1.20
C SER C 35 14.86 -8.08 -0.08
N PHE C 36 14.10 -8.76 0.78
CA PHE C 36 13.22 -8.13 1.79
C PHE C 36 13.48 -8.77 3.14
N PRO C 37 14.65 -8.47 3.75
CA PRO C 37 15.08 -9.16 4.96
C PRO C 37 14.09 -9.10 6.14
N THR C 38 13.19 -8.10 6.18
CA THR C 38 12.18 -8.05 7.26
C THR C 38 11.37 -9.36 7.29
N THR C 39 11.20 -10.01 6.15
CA THR C 39 10.39 -11.22 6.07
C THR C 39 11.03 -12.40 6.78
N LYS C 40 12.35 -12.35 6.98
CA LYS C 40 13.08 -13.46 7.58
C LYS C 40 12.63 -13.71 9.02
N THR C 41 12.10 -12.66 9.67
CA THR C 41 11.82 -12.77 11.09
C THR C 41 10.61 -13.68 11.35
N TYR C 42 9.87 -14.04 10.30
CA TYR C 42 8.76 -15.00 10.44
C TYR C 42 9.23 -16.46 10.51
N PHE C 43 10.51 -16.71 10.24
CA PHE C 43 11.03 -18.07 10.14
C PHE C 43 12.27 -18.22 11.03
N PRO C 44 12.16 -17.94 12.35
CA PRO C 44 13.31 -18.05 13.24
C PRO C 44 13.82 -19.48 13.38
N HIS C 45 12.94 -20.44 13.08
CA HIS C 45 13.23 -21.86 13.18
C HIS C 45 13.89 -22.38 11.89
N PHE C 46 14.07 -21.52 10.87
CA PHE C 46 14.70 -21.92 9.62
C PHE C 46 16.14 -21.42 9.54
N ASP C 47 16.96 -22.23 8.89
CA ASP C 47 18.16 -21.76 8.24
C ASP C 47 17.71 -21.24 6.88
N LEU C 48 18.05 -19.99 6.58
CA LEU C 48 17.55 -19.30 5.41
C LEU C 48 18.64 -19.14 4.35
N SER C 49 19.79 -19.78 4.50
CA SER C 49 20.85 -19.66 3.50
C SER C 49 20.48 -20.39 2.21
N HIS C 50 21.13 -20.02 1.11
CA HIS C 50 20.87 -20.64 -0.21
C HIS C 50 20.99 -22.17 -0.08
N GLY C 51 20.02 -22.88 -0.63
CA GLY C 51 20.05 -24.33 -0.65
C GLY C 51 19.55 -24.99 0.63
N SER C 52 19.11 -24.21 1.62
CA SER C 52 18.45 -24.76 2.80
C SER C 52 17.33 -25.74 2.43
N ALA C 53 17.37 -26.93 3.03
CA ALA C 53 16.31 -27.90 2.81
C ALA C 53 14.98 -27.42 3.39
N GLN C 54 15.01 -26.54 4.40
CA GLN C 54 13.79 -26.03 4.96
C GLN C 54 13.11 -25.10 3.98
N VAL C 55 13.88 -24.24 3.31
CA VAL C 55 13.29 -23.35 2.30
C VAL C 55 12.79 -24.20 1.13
N LYS C 56 13.56 -25.20 0.73
CA LYS C 56 13.14 -26.09 -0.36
C LYS C 56 11.81 -26.76 -0.01
N GLY C 57 11.71 -27.35 1.18
CA GLY C 57 10.52 -28.06 1.56
C GLY C 57 9.35 -27.14 1.73
N HIS C 58 9.61 -25.93 2.24
CA HIS C 58 8.51 -24.98 2.40
C HIS C 58 7.99 -24.51 1.05
N GLY C 59 8.89 -24.34 0.09
CA GLY C 59 8.49 -24.00 -1.28
C GLY C 59 7.52 -25.03 -1.85
N ALA C 60 7.74 -26.32 -1.58
CA ALA C 60 6.83 -27.36 -2.06
C ALA C 60 5.45 -27.21 -1.41
N LYS C 61 5.40 -26.84 -0.14
CA LYS C 61 4.12 -26.61 0.54
C LYS C 61 3.40 -25.41 -0.06
N VAL C 62 4.12 -24.31 -0.26
CA VAL C 62 3.53 -23.13 -0.85
C VAL C 62 3.00 -23.48 -2.25
N ALA C 63 3.76 -24.23 -3.04
CA ALA C 63 3.35 -24.65 -4.39
C ALA C 63 2.07 -25.48 -4.32
N ALA C 64 1.99 -26.39 -3.36
CA ALA C 64 0.81 -27.23 -3.23
C ALA C 64 -0.42 -26.36 -2.94
N ALA C 65 -0.24 -25.33 -2.10
CA ALA C 65 -1.35 -24.44 -1.79
C ALA C 65 -1.77 -23.63 -3.03
N LEU C 66 -0.81 -23.14 -3.80
CA LEU C 66 -1.14 -22.37 -4.99
C LEU C 66 -1.80 -23.27 -6.02
N THR C 67 -1.38 -24.52 -6.14
CA THR C 67 -2.01 -25.46 -7.05
C THR C 67 -3.46 -25.70 -6.62
N LYS C 68 -3.69 -25.85 -5.32
CA LYS C 68 -5.03 -26.04 -4.80
C LYS C 68 -5.88 -24.80 -5.16
N ALA C 69 -5.28 -23.62 -5.02
CA ALA C 69 -5.98 -22.38 -5.33
C ALA C 69 -6.37 -22.34 -6.81
N VAL C 70 -5.43 -22.69 -7.69
CA VAL C 70 -5.66 -22.69 -9.13
C VAL C 70 -6.84 -23.63 -9.48
N GLU C 71 -6.98 -24.73 -8.72
CA GLU C 71 -8.03 -25.75 -8.95
C GLU C 71 -9.37 -25.35 -8.31
N HIS C 72 -9.41 -24.24 -7.56
CA HIS C 72 -10.62 -23.81 -6.84
C HIS C 72 -10.80 -22.29 -6.90
N LEU C 73 -10.63 -21.72 -8.10
CA LEU C 73 -10.62 -20.26 -8.22
C LEU C 73 -11.98 -19.66 -7.89
N ASP C 74 -13.06 -20.45 -7.98
CA ASP C 74 -14.40 -19.99 -7.66
C ASP C 74 -14.71 -20.07 -6.16
N ASP C 75 -13.79 -20.62 -5.35
CA ASP C 75 -14.06 -20.70 -3.90
C ASP C 75 -12.74 -20.73 -3.14
N LEU C 76 -11.97 -19.65 -3.28
CA LEU C 76 -10.71 -19.56 -2.59
C LEU C 76 -10.91 -19.47 -1.08
N PRO C 77 -11.92 -18.70 -0.58
CA PRO C 77 -12.13 -18.64 0.87
C PRO C 77 -12.31 -20.03 1.49
N GLY C 78 -13.08 -20.89 0.83
CA GLY C 78 -13.31 -22.25 1.30
C GLY C 78 -12.05 -23.10 1.20
N ALA C 79 -11.44 -23.10 0.01
CA ALA C 79 -10.32 -23.98 -0.30
C ALA C 79 -9.10 -23.66 0.58
N LEU C 80 -8.95 -22.39 0.97
CA LEU C 80 -7.78 -21.95 1.72
C LEU C 80 -8.12 -21.62 3.17
N SER C 81 -9.25 -22.14 3.71
CA SER C 81 -9.72 -21.69 5.02
C SER C 81 -8.68 -21.96 6.12
N GLU C 82 -8.05 -23.14 6.10
CA GLU C 82 -7.06 -23.50 7.14
C GLU C 82 -5.85 -22.55 7.05
N LEU C 83 -5.39 -22.29 5.82
CA LEU C 83 -4.23 -21.43 5.62
C LEU C 83 -4.53 -19.99 5.99
N SER C 84 -5.76 -19.53 5.77
CA SER C 84 -6.17 -18.18 6.17
C SER C 84 -6.08 -18.03 7.69
N ASP C 85 -6.64 -19.01 8.40
CA ASP C 85 -6.56 -18.98 9.85
C ASP C 85 -5.09 -18.96 10.30
N LEU C 86 -4.26 -19.83 9.71
CA LEU C 86 -2.87 -19.92 10.13
C LEU C 86 -2.17 -18.57 9.93
N HIS C 87 -2.33 -17.97 8.74
CA HIS C 87 -1.54 -16.77 8.46
C HIS C 87 -2.11 -15.56 9.21
N ALA C 88 -3.43 -15.41 9.28
CA ALA C 88 -4.03 -14.21 9.82
C ALA C 88 -4.14 -14.29 11.34
N HIS C 89 -4.59 -15.43 11.86
CA HIS C 89 -4.87 -15.53 13.28
C HIS C 89 -3.62 -15.97 14.06
N LYS C 90 -2.98 -17.07 13.65
CA LYS C 90 -1.85 -17.63 14.41
C LYS C 90 -0.56 -16.83 14.19
N LEU C 91 -0.17 -16.66 12.93
CA LEU C 91 1.13 -16.06 12.57
C LEU C 91 1.06 -14.53 12.53
N ARG C 92 -0.14 -13.97 12.37
CA ARG C 92 -0.33 -12.52 12.30
C ARG C 92 0.61 -11.93 11.24
N VAL C 93 0.62 -12.51 10.02
CA VAL C 93 1.47 -12.01 8.96
C VAL C 93 0.94 -10.65 8.48
N ASP C 94 1.83 -9.66 8.51
CA ASP C 94 1.57 -8.33 8.01
C ASP C 94 1.14 -8.42 6.55
N PRO C 95 -0.02 -7.83 6.16
CA PRO C 95 -0.47 -7.88 4.77
C PRO C 95 0.60 -7.44 3.75
N VAL C 96 1.51 -6.53 4.14
CA VAL C 96 2.50 -6.05 3.18
C VAL C 96 3.36 -7.23 2.70
N ASN C 97 3.59 -8.20 3.58
CA ASN C 97 4.53 -9.27 3.24
C ASN C 97 3.97 -10.18 2.14
N PHE C 98 2.64 -10.23 2.01
CA PHE C 98 2.04 -10.95 0.89
C PHE C 98 2.38 -10.27 -0.45
N LYS C 99 2.46 -8.94 -0.45
CA LYS C 99 2.90 -8.23 -1.66
C LYS C 99 4.34 -8.61 -1.98
N LEU C 100 5.17 -8.72 -0.94
CA LEU C 100 6.58 -9.00 -1.16
C LEU C 100 6.78 -10.42 -1.70
N LEU C 101 6.06 -11.40 -1.14
CA LEU C 101 6.12 -12.76 -1.69
C LEU C 101 5.54 -12.81 -3.11
N SER C 102 4.44 -12.10 -3.33
CA SER C 102 3.83 -12.12 -4.63
C SER C 102 4.78 -11.58 -5.71
N HIS C 103 5.41 -10.43 -5.42
CA HIS C 103 6.42 -9.89 -6.33
C HIS C 103 7.55 -10.91 -6.58
N SER C 104 8.01 -11.56 -5.50
CA SER C 104 9.09 -12.53 -5.60
C SER C 104 8.69 -13.70 -6.51
N LEU C 105 7.42 -14.12 -6.39
N LEU C 105 7.42 -14.09 -6.45
CA LEU C 105 6.83 -15.17 -7.25
CA LEU C 105 7.00 -15.18 -7.29
C LEU C 105 6.81 -14.71 -8.71
C LEU C 105 6.81 -14.71 -8.74
N LEU C 106 6.37 -13.47 -8.96
CA LEU C 106 6.34 -12.96 -10.36
C LEU C 106 7.76 -12.92 -10.95
N VAL C 107 8.73 -12.45 -10.15
CA VAL C 107 10.11 -12.42 -10.64
C VAL C 107 10.56 -13.84 -11.02
N THR C 108 10.24 -14.80 -10.14
CA THR C 108 10.63 -16.18 -10.36
C THR C 108 9.98 -16.76 -11.63
N LEU C 109 8.67 -16.54 -11.76
CA LEU C 109 7.94 -17.05 -12.91
C LEU C 109 8.43 -16.41 -14.21
N ALA C 110 8.68 -15.10 -14.18
CA ALA C 110 9.20 -14.41 -15.37
C ALA C 110 10.54 -15.00 -15.79
N SER C 111 11.40 -15.27 -14.80
N SER C 111 11.38 -15.33 -14.80
CA SER C 111 12.71 -15.84 -15.06
CA SER C 111 12.73 -15.80 -15.06
C SER C 111 12.60 -17.17 -15.82
C SER C 111 12.75 -17.25 -15.57
N HIS C 112 11.66 -18.02 -15.38
CA HIS C 112 11.58 -19.42 -15.85
C HIS C 112 10.66 -19.61 -17.07
N LEU C 113 9.72 -18.71 -17.27
CA LEU C 113 8.72 -18.85 -18.32
C LEU C 113 8.72 -17.59 -19.17
N PRO C 114 9.85 -17.26 -19.80
CA PRO C 114 9.93 -15.97 -20.50
C PRO C 114 8.98 -15.82 -21.71
N SER C 115 8.68 -16.93 -22.41
CA SER C 115 7.74 -16.89 -23.54
C SER C 115 6.30 -16.78 -23.06
N ASP C 116 5.97 -17.48 -21.96
CA ASP C 116 4.59 -17.56 -21.50
C ASP C 116 4.21 -16.34 -20.66
N PHE C 117 5.20 -15.67 -20.07
CA PHE C 117 4.96 -14.55 -19.15
C PHE C 117 4.75 -13.28 -19.96
N THR C 118 3.67 -13.24 -20.74
CA THR C 118 3.27 -12.12 -21.52
C THR C 118 2.74 -11.02 -20.61
N PRO C 119 2.56 -9.79 -21.12
CA PRO C 119 1.92 -8.74 -20.32
C PRO C 119 0.57 -9.18 -19.74
N ALA C 120 -0.28 -9.79 -20.58
CA ALA C 120 -1.60 -10.22 -20.11
C ALA C 120 -1.48 -11.28 -19.00
N VAL C 121 -0.59 -12.25 -19.18
CA VAL C 121 -0.40 -13.28 -18.19
C VAL C 121 0.15 -12.72 -16.88
N HIS C 122 1.11 -11.80 -16.99
CA HIS C 122 1.64 -11.07 -15.84
C HIS C 122 0.50 -10.39 -15.06
N ALA C 123 -0.37 -9.70 -15.80
CA ALA C 123 -1.48 -9.00 -15.15
C ALA C 123 -2.39 -10.02 -14.44
N SER C 124 -2.73 -11.12 -15.12
CA SER C 124 -3.61 -12.12 -14.53
C SER C 124 -2.97 -12.74 -13.28
N LEU C 125 -1.68 -13.09 -13.36
CA LEU C 125 -1.00 -13.69 -12.22
C LEU C 125 -0.92 -12.72 -11.04
N ASP C 126 -0.70 -11.44 -11.33
CA ASP C 126 -0.69 -10.43 -10.32
C ASP C 126 -2.04 -10.44 -9.57
N LYS C 127 -3.13 -10.45 -10.32
CA LYS C 127 -4.46 -10.41 -9.69
C LYS C 127 -4.73 -11.71 -8.92
N PHE C 128 -4.27 -12.83 -9.46
CA PHE C 128 -4.40 -14.10 -8.76
C PHE C 128 -3.71 -14.04 -7.39
N LEU C 129 -2.46 -13.61 -7.40
CA LEU C 129 -1.71 -13.61 -6.17
C LEU C 129 -2.29 -12.58 -5.20
N ALA C 130 -2.80 -11.46 -5.70
CA ALA C 130 -3.48 -10.50 -4.84
C ALA C 130 -4.74 -11.13 -4.21
N ASN C 131 -5.48 -11.92 -5.00
CA ASN C 131 -6.71 -12.56 -4.51
C ASN C 131 -6.37 -13.60 -3.44
N VAL C 132 -5.34 -14.42 -3.70
CA VAL C 132 -4.88 -15.38 -2.70
C VAL C 132 -4.49 -14.64 -1.43
N SER C 133 -3.77 -13.52 -1.59
CA SER C 133 -3.28 -12.75 -0.47
C SER C 133 -4.44 -12.19 0.37
N THR C 134 -5.47 -11.69 -0.32
CA THR C 134 -6.67 -11.19 0.36
C THR C 134 -7.31 -12.30 1.20
N VAL C 135 -7.41 -13.49 0.62
CA VAL C 135 -8.04 -14.58 1.35
C VAL C 135 -7.19 -14.94 2.58
N LEU C 136 -5.87 -15.01 2.43
CA LEU C 136 -5.01 -15.45 3.51
C LEU C 136 -4.84 -14.39 4.61
N THR C 137 -5.25 -13.15 4.34
CA THR C 137 -5.23 -12.06 5.34
C THR C 137 -6.63 -11.74 5.87
N SER C 138 -7.63 -12.48 5.42
CA SER C 138 -8.96 -12.32 5.97
C SER C 138 -9.10 -13.24 7.19
N MET D 1 24.22 4.27 -2.70
CA MET D 1 24.29 3.05 -1.86
C MET D 1 25.19 2.04 -2.58
N LEU D 2 25.40 0.89 -1.89
CA LEU D 2 26.23 -0.27 -2.31
C LEU D 2 27.71 0.06 -2.10
N THR D 3 28.49 -0.96 -1.80
CA THR D 3 29.91 -0.81 -1.76
C THR D 3 30.44 -0.67 -3.19
N ALA D 4 31.71 -0.23 -3.31
CA ALA D 4 32.33 -0.12 -4.63
C ALA D 4 32.33 -1.47 -5.36
N GLU D 5 32.63 -2.56 -4.65
CA GLU D 5 32.61 -3.90 -5.25
C GLU D 5 31.19 -4.23 -5.74
N GLU D 6 30.18 -3.93 -4.92
CA GLU D 6 28.79 -4.24 -5.27
C GLU D 6 28.36 -3.40 -6.47
N LYS D 7 28.81 -2.13 -6.51
CA LYS D 7 28.52 -1.29 -7.65
C LYS D 7 29.13 -1.87 -8.92
N ALA D 8 30.36 -2.40 -8.83
CA ALA D 8 30.98 -3.03 -10.01
C ALA D 8 30.10 -4.19 -10.54
N ALA D 9 29.54 -4.98 -9.64
CA ALA D 9 28.77 -6.15 -10.06
C ALA D 9 27.45 -5.72 -10.71
N VAL D 10 26.76 -4.73 -10.12
CA VAL D 10 25.50 -4.27 -10.75
C VAL D 10 25.79 -3.50 -12.06
N THR D 11 26.90 -2.77 -12.11
CA THR D 11 27.31 -2.07 -13.34
C THR D 11 27.55 -3.10 -14.45
N ALA D 12 28.22 -4.20 -14.13
CA ALA D 12 28.53 -5.20 -15.14
C ALA D 12 27.24 -5.77 -15.70
N PHE D 13 26.28 -6.08 -14.83
CA PHE D 13 25.01 -6.60 -15.30
C PHE D 13 24.29 -5.55 -16.15
N TRP D 14 24.25 -4.31 -15.66
CA TRP D 14 23.50 -3.26 -16.32
C TRP D 14 24.03 -3.00 -17.73
N GLY D 15 25.32 -3.22 -17.93
CA GLY D 15 25.95 -3.07 -19.23
C GLY D 15 25.30 -3.93 -20.31
N LYS D 16 24.65 -5.02 -19.89
CA LYS D 16 24.01 -5.96 -20.83
C LYS D 16 22.61 -5.52 -21.26
N VAL D 17 22.03 -4.57 -20.53
CA VAL D 17 20.65 -4.19 -20.72
C VAL D 17 20.49 -3.38 -22.00
N LYS D 18 19.50 -3.78 -22.83
CA LYS D 18 19.13 -3.03 -24.03
C LYS D 18 18.01 -2.07 -23.63
N VAL D 19 18.29 -0.78 -23.38
CA VAL D 19 17.29 0.14 -22.72
C VAL D 19 16.03 0.37 -23.58
N ASP D 20 16.18 0.39 -24.90
CA ASP D 20 14.99 0.54 -25.76
C ASP D 20 14.04 -0.63 -25.51
N GLU D 21 14.57 -1.86 -25.61
CA GLU D 21 13.74 -3.04 -25.44
C GLU D 21 13.16 -3.05 -24.04
N VAL D 22 14.05 -2.99 -23.04
CA VAL D 22 13.64 -3.19 -21.66
C VAL D 22 12.73 -2.04 -21.20
N GLY D 23 13.06 -0.82 -21.59
CA GLY D 23 12.30 0.32 -21.17
C GLY D 23 10.89 0.31 -21.71
N GLY D 24 10.76 0.04 -22.99
CA GLY D 24 9.45 -0.06 -23.59
C GLY D 24 8.62 -1.16 -22.97
N GLU D 25 9.27 -2.29 -22.68
CA GLU D 25 8.56 -3.39 -22.05
C GLU D 25 8.10 -3.03 -20.66
N ALA D 26 8.98 -2.39 -19.86
CA ALA D 26 8.64 -2.05 -18.50
C ALA D 26 7.48 -1.04 -18.47
N LEU D 27 7.55 0.00 -19.29
CA LEU D 27 6.50 0.98 -19.25
C LEU D 27 5.18 0.36 -19.76
N GLY D 28 5.26 -0.42 -20.82
CA GLY D 28 4.05 -1.05 -21.33
C GLY D 28 3.41 -1.96 -20.28
N ARG D 29 4.25 -2.76 -19.59
CA ARG D 29 3.70 -3.65 -18.54
C ARG D 29 3.11 -2.84 -17.41
N LEU D 30 3.70 -1.70 -17.05
CA LEU D 30 3.09 -0.87 -16.00
C LEU D 30 1.66 -0.51 -16.42
N LEU D 31 1.51 -0.07 -17.65
CA LEU D 31 0.20 0.40 -18.15
C LEU D 31 -0.80 -0.74 -18.25
N VAL D 32 -0.34 -1.93 -18.56
CA VAL D 32 -1.21 -3.11 -18.68
C VAL D 32 -1.55 -3.66 -17.29
N VAL D 33 -0.54 -3.85 -16.44
CA VAL D 33 -0.74 -4.52 -15.15
C VAL D 33 -1.42 -3.59 -14.15
N TYR D 34 -1.18 -2.29 -14.25
CA TYR D 34 -1.69 -1.32 -13.30
C TYR D 34 -2.42 -0.23 -14.07
N PRO D 35 -3.63 -0.52 -14.60
CA PRO D 35 -4.19 0.29 -15.67
C PRO D 35 -4.54 1.72 -15.29
N TRP D 36 -4.65 2.01 -13.99
CA TRP D 36 -4.89 3.39 -13.58
C TRP D 36 -3.74 4.31 -14.02
N THR D 37 -2.55 3.73 -14.21
CA THR D 37 -1.41 4.54 -14.63
C THR D 37 -1.63 5.15 -16.02
N GLN D 38 -2.56 4.59 -16.80
CA GLN D 38 -2.91 5.14 -18.11
C GLN D 38 -3.51 6.54 -18.01
N ARG D 39 -3.98 6.95 -16.82
CA ARG D 39 -4.53 8.28 -16.59
C ARG D 39 -3.55 9.35 -17.07
N PHE D 40 -2.25 9.07 -16.90
CA PHE D 40 -1.21 10.05 -17.14
C PHE D 40 -0.73 10.06 -18.60
N PHE D 41 -1.26 9.19 -19.47
CA PHE D 41 -0.72 8.99 -20.80
C PHE D 41 -1.81 9.10 -21.88
N GLU D 42 -2.85 9.91 -21.64
CA GLU D 42 -3.94 10.03 -22.62
C GLU D 42 -3.41 10.50 -23.98
N SER D 43 -2.36 11.33 -24.00
CA SER D 43 -1.82 11.89 -25.24
C SER D 43 -1.03 10.86 -26.05
N PHE D 44 -0.85 9.63 -25.54
CA PHE D 44 -0.01 8.62 -26.19
C PHE D 44 -0.79 7.82 -27.24
N GLY D 45 -2.08 8.13 -27.39
CA GLY D 45 -2.93 7.51 -28.38
C GLY D 45 -3.50 6.21 -27.87
N ASP D 46 -3.39 5.14 -28.69
CA ASP D 46 -4.14 3.89 -28.47
C ASP D 46 -3.53 3.10 -27.31
N LEU D 47 -4.24 3.05 -26.19
CA LEU D 47 -3.90 2.19 -25.05
C LEU D 47 -5.07 1.24 -24.74
N SER D 48 -5.92 0.99 -25.75
CA SER D 48 -7.25 0.39 -25.55
C SER D 48 -7.17 -1.10 -25.21
N THR D 49 -6.06 -1.74 -25.59
CA THR D 49 -5.85 -3.16 -25.38
C THR D 49 -4.40 -3.40 -24.98
N ALA D 50 -4.10 -4.59 -24.45
CA ALA D 50 -2.72 -4.93 -24.08
C ALA D 50 -1.77 -4.84 -25.32
N ASP D 51 -2.17 -5.43 -26.44
CA ASP D 51 -1.39 -5.38 -27.65
C ASP D 51 -1.20 -3.93 -28.10
N ALA D 52 -2.25 -3.11 -28.01
CA ALA D 52 -2.10 -1.70 -28.44
C ALA D 52 -1.06 -1.01 -27.55
N VAL D 53 -1.13 -1.25 -26.25
CA VAL D 53 -0.20 -0.64 -25.32
C VAL D 53 1.25 -1.04 -25.68
N MET D 54 1.49 -2.34 -25.86
CA MET D 54 2.84 -2.86 -25.96
C MET D 54 3.47 -2.44 -27.29
N ASN D 55 2.63 -2.26 -28.32
CA ASN D 55 3.09 -1.94 -29.67
C ASN D 55 3.01 -0.45 -29.97
N ASN D 56 2.55 0.35 -29.02
CA ASN D 56 2.39 1.78 -29.20
C ASN D 56 3.77 2.42 -29.29
N PRO D 57 4.12 3.06 -30.42
CA PRO D 57 5.45 3.67 -30.55
C PRO D 57 5.78 4.74 -29.50
N LYS D 58 4.78 5.49 -29.02
CA LYS D 58 5.01 6.50 -28.01
C LYS D 58 5.36 5.85 -26.66
N VAL D 59 4.73 4.70 -26.35
CA VAL D 59 5.05 3.98 -25.13
C VAL D 59 6.49 3.46 -25.20
N LYS D 60 6.87 2.90 -26.35
CA LYS D 60 8.23 2.39 -26.51
C LYS D 60 9.26 3.51 -26.39
N ALA D 61 9.02 4.65 -27.05
CA ALA D 61 9.94 5.80 -27.03
C ALA D 61 10.06 6.36 -25.61
N HIS D 62 8.94 6.47 -24.91
CA HIS D 62 8.96 7.01 -23.56
C HIS D 62 9.69 6.05 -22.63
N GLY D 63 9.44 4.75 -22.78
CA GLY D 63 10.08 3.79 -21.93
C GLY D 63 11.58 3.80 -22.07
N LYS D 64 12.06 4.01 -23.30
CA LYS D 64 13.49 4.14 -23.49
C LYS D 64 14.04 5.32 -22.67
N LYS D 65 13.33 6.44 -22.67
CA LYS D 65 13.78 7.60 -21.92
C LYS D 65 13.77 7.31 -20.41
N VAL D 66 12.74 6.60 -19.94
CA VAL D 66 12.70 6.20 -18.55
C VAL D 66 13.94 5.37 -18.22
N LEU D 67 14.27 4.39 -19.05
CA LEU D 67 15.42 3.55 -18.76
C LEU D 67 16.72 4.33 -18.87
N ASP D 68 16.81 5.34 -19.75
CA ASP D 68 18.00 6.19 -19.79
C ASP D 68 18.17 6.87 -18.43
N SER D 69 17.08 7.26 -17.76
CA SER D 69 17.19 7.88 -16.44
C SER D 69 17.66 6.87 -15.39
N PHE D 70 17.25 5.61 -15.49
CA PHE D 70 17.82 4.56 -14.64
C PHE D 70 19.33 4.41 -14.92
N SER D 71 19.74 4.44 -16.18
CA SER D 71 21.16 4.36 -16.55
C SER D 71 21.94 5.52 -15.93
N ASN D 72 21.38 6.72 -15.90
CA ASN D 72 22.03 7.87 -15.27
C ASN D 72 22.12 7.58 -13.76
N GLY D 73 21.06 7.06 -13.17
CA GLY D 73 21.10 6.74 -11.74
C GLY D 73 22.18 5.73 -11.43
N MET D 74 22.36 4.74 -12.32
CA MET D 74 23.35 3.69 -12.13
C MET D 74 24.78 4.26 -12.09
N LYS D 75 24.97 5.45 -12.66
CA LYS D 75 26.28 6.12 -12.64
C LYS D 75 26.45 7.07 -11.43
N HIS D 76 25.39 7.25 -10.63
CA HIS D 76 25.38 8.20 -9.52
C HIS D 76 24.64 7.61 -8.32
N LEU D 77 25.00 6.36 -7.99
CA LEU D 77 24.23 5.62 -7.02
C LEU D 77 24.38 6.21 -5.63
N ASP D 78 25.40 7.05 -5.40
CA ASP D 78 25.61 7.70 -4.11
C ASP D 78 24.93 9.08 -4.07
N ASP D 79 24.27 9.48 -5.17
CA ASP D 79 23.56 10.75 -5.15
C ASP D 79 22.29 10.66 -6.00
N LEU D 80 21.46 9.68 -5.70
CA LEU D 80 20.22 9.56 -6.42
C LEU D 80 19.32 10.77 -6.19
N LYS D 81 19.32 11.34 -4.97
CA LYS D 81 18.45 12.50 -4.69
C LYS D 81 18.73 13.63 -5.69
N GLY D 82 20.02 13.97 -5.84
CA GLY D 82 20.40 15.03 -6.75
C GLY D 82 20.13 14.66 -8.19
N THR D 83 20.45 13.41 -8.56
CA THR D 83 20.33 12.96 -9.91
C THR D 83 18.87 13.06 -10.37
N PHE D 84 17.91 12.72 -9.48
CA PHE D 84 16.49 12.65 -9.83
C PHE D 84 15.71 13.90 -9.39
N ALA D 85 16.40 14.99 -9.03
CA ALA D 85 15.71 16.15 -8.47
C ALA D 85 14.77 16.78 -9.51
N ALA D 86 15.24 16.98 -10.74
CA ALA D 86 14.39 17.56 -11.77
C ALA D 86 13.20 16.64 -12.06
N LEU D 87 13.44 15.33 -12.12
CA LEU D 87 12.36 14.37 -12.38
C LEU D 87 11.39 14.30 -11.19
N SER D 88 11.89 14.53 -9.98
CA SER D 88 11.01 14.60 -8.82
C SER D 88 10.04 15.79 -8.95
N GLU D 89 10.57 16.96 -9.32
CA GLU D 89 9.73 18.09 -9.57
C GLU D 89 8.66 17.80 -10.62
N LEU D 90 9.06 17.15 -11.72
CA LEU D 90 8.13 16.83 -12.80
C LEU D 90 7.04 15.92 -12.23
N HIS D 91 7.42 14.82 -11.59
CA HIS D 91 6.43 13.78 -11.24
C HIS D 91 5.57 14.22 -10.06
N CYS D 92 6.11 15.02 -9.15
CA CYS D 92 5.42 15.34 -7.88
C CYS D 92 4.70 16.69 -8.02
N ASP D 93 5.41 17.73 -8.42
CA ASP D 93 4.87 19.09 -8.42
C ASP D 93 3.99 19.34 -9.65
N LYS D 94 4.39 18.80 -10.81
CA LYS D 94 3.67 19.05 -12.07
C LYS D 94 2.60 17.99 -12.34
N LEU D 95 2.94 16.70 -12.20
CA LEU D 95 2.01 15.61 -12.54
C LEU D 95 1.21 15.11 -11.35
N HIS D 96 1.72 15.28 -10.12
CA HIS D 96 1.06 14.72 -8.92
C HIS D 96 0.82 13.22 -9.06
N VAL D 97 1.81 12.48 -9.52
CA VAL D 97 1.79 11.02 -9.53
C VAL D 97 1.91 10.53 -8.10
N ASP D 98 1.03 9.65 -7.63
CA ASP D 98 1.19 9.13 -6.31
C ASP D 98 2.49 8.35 -6.25
N PRO D 99 3.31 8.55 -5.19
CA PRO D 99 4.62 7.91 -5.16
C PRO D 99 4.60 6.38 -5.03
N GLU D 100 3.47 5.79 -4.61
CA GLU D 100 3.37 4.33 -4.64
C GLU D 100 3.70 3.79 -6.03
N ASN D 101 3.32 4.55 -7.07
CA ASN D 101 3.52 4.08 -8.42
C ASN D 101 5.01 4.02 -8.80
N PHE D 102 5.83 4.85 -8.15
CA PHE D 102 7.28 4.80 -8.44
C PHE D 102 7.86 3.45 -8.02
N LYS D 103 7.38 2.94 -6.88
CA LYS D 103 7.76 1.63 -6.42
C LYS D 103 7.24 0.56 -7.37
N LEU D 104 6.00 0.72 -7.84
CA LEU D 104 5.45 -0.25 -8.78
C LEU D 104 6.27 -0.33 -10.07
N LEU D 105 6.65 0.83 -10.64
CA LEU D 105 7.44 0.75 -11.87
C LEU D 105 8.82 0.14 -11.62
N GLY D 106 9.43 0.46 -10.47
CA GLY D 106 10.71 -0.16 -10.15
C GLY D 106 10.60 -1.67 -10.09
N ASN D 107 9.52 -2.18 -9.47
CA ASN D 107 9.34 -3.61 -9.35
C ASN D 107 9.01 -4.23 -10.72
N VAL D 108 8.25 -3.54 -11.56
CA VAL D 108 8.03 -4.02 -12.94
C VAL D 108 9.37 -4.13 -13.67
N LEU D 109 10.23 -3.12 -13.53
CA LEU D 109 11.55 -3.21 -14.17
C LEU D 109 12.28 -4.47 -13.70
N VAL D 110 12.24 -4.76 -12.38
CA VAL D 110 12.89 -5.98 -11.90
C VAL D 110 12.29 -7.24 -12.54
N VAL D 111 10.94 -7.30 -12.66
CA VAL D 111 10.31 -8.44 -13.34
C VAL D 111 10.80 -8.55 -14.81
N VAL D 112 10.88 -7.39 -15.50
CA VAL D 112 11.33 -7.37 -16.88
C VAL D 112 12.79 -7.83 -16.99
N LEU D 113 13.65 -7.40 -16.07
CA LEU D 113 15.02 -7.90 -16.09
C LEU D 113 15.02 -9.42 -15.94
N ALA D 114 14.20 -9.93 -15.02
CA ALA D 114 14.13 -11.37 -14.82
C ALA D 114 13.68 -12.05 -16.12
N ARG D 115 12.63 -11.50 -16.76
CA ARG D 115 12.11 -12.14 -17.96
C ARG D 115 13.18 -12.17 -19.07
N ASN D 116 13.97 -11.11 -19.16
CA ASN D 116 14.89 -10.95 -20.26
C ASN D 116 16.24 -11.62 -20.01
N PHE D 117 16.60 -11.89 -18.75
CA PHE D 117 17.93 -12.37 -18.46
C PHE D 117 17.96 -13.77 -17.83
N GLY D 118 16.79 -14.33 -17.50
CA GLY D 118 16.69 -15.64 -16.95
C GLY D 118 17.70 -15.87 -15.83
N LYS D 119 18.42 -16.99 -15.98
CA LYS D 119 19.34 -17.58 -15.02
C LYS D 119 20.34 -16.53 -14.50
N GLU D 120 20.73 -15.60 -15.37
CA GLU D 120 21.76 -14.65 -15.05
C GLU D 120 21.30 -13.63 -13.99
N PHE D 121 20.00 -13.36 -13.94
CA PHE D 121 19.45 -12.42 -12.96
C PHE D 121 19.22 -13.17 -11.63
N THR D 122 20.32 -13.42 -10.92
CA THR D 122 20.34 -14.29 -9.74
C THR D 122 19.59 -13.65 -8.58
N PRO D 123 19.21 -14.42 -7.56
CA PRO D 123 18.63 -13.83 -6.36
C PRO D 123 19.53 -12.73 -5.77
N VAL D 124 20.85 -12.97 -5.72
CA VAL D 124 21.77 -11.99 -5.14
C VAL D 124 21.75 -10.69 -5.95
N LEU D 125 21.84 -10.82 -7.28
CA LEU D 125 21.87 -9.63 -8.13
C LEU D 125 20.52 -8.91 -8.05
N GLN D 126 19.42 -9.67 -8.07
CA GLN D 126 18.10 -9.07 -7.97
C GLN D 126 17.99 -8.27 -6.65
N ALA D 127 18.52 -8.80 -5.55
CA ALA D 127 18.41 -8.12 -4.26
C ALA D 127 19.13 -6.76 -4.31
N ASP D 128 20.28 -6.70 -4.99
CA ASP D 128 20.95 -5.41 -5.12
C ASP D 128 20.16 -4.46 -6.03
N PHE D 129 19.55 -4.98 -7.10
CA PHE D 129 18.67 -4.15 -7.91
C PHE D 129 17.41 -3.70 -7.17
N GLN D 130 16.95 -4.47 -6.17
CA GLN D 130 15.85 -4.00 -5.35
C GLN D 130 16.26 -2.75 -4.56
N LYS D 131 17.51 -2.74 -4.05
CA LYS D 131 18.02 -1.58 -3.36
C LYS D 131 18.07 -0.38 -4.31
N VAL D 132 18.52 -0.62 -5.55
CA VAL D 132 18.64 0.47 -6.53
C VAL D 132 17.23 1.04 -6.83
N VAL D 133 16.25 0.18 -7.15
CA VAL D 133 14.95 0.74 -7.57
C VAL D 133 14.23 1.38 -6.38
N ALA D 134 14.48 0.88 -5.15
CA ALA D 134 13.94 1.56 -3.97
C ALA D 134 14.54 2.96 -3.84
N GLY D 135 15.84 3.05 -4.07
CA GLY D 135 16.52 4.35 -4.00
C GLY D 135 16.00 5.31 -5.06
N VAL D 136 15.76 4.82 -6.27
CA VAL D 136 15.24 5.68 -7.31
C VAL D 136 13.83 6.16 -6.95
N ALA D 137 12.98 5.25 -6.45
CA ALA D 137 11.63 5.65 -6.09
C ALA D 137 11.66 6.68 -4.95
N ASN D 138 12.55 6.48 -3.98
CA ASN D 138 12.65 7.38 -2.84
C ASN D 138 13.11 8.76 -3.32
N ALA D 139 14.09 8.78 -4.22
CA ALA D 139 14.59 10.04 -4.77
C ALA D 139 13.48 10.78 -5.54
N LEU D 140 12.71 10.03 -6.34
CA LEU D 140 11.65 10.64 -7.10
C LEU D 140 10.54 11.23 -6.23
N ALA D 141 10.32 10.63 -5.05
CA ALA D 141 9.27 11.07 -4.15
C ALA D 141 9.72 12.24 -3.26
N HIS D 142 10.98 12.66 -3.34
CA HIS D 142 11.54 13.58 -2.36
C HIS D 142 10.75 14.90 -2.28
N ARG D 143 10.22 15.39 -3.40
CA ARG D 143 9.49 16.65 -3.45
C ARG D 143 8.15 16.58 -2.71
N TYR D 144 7.71 15.39 -2.30
CA TYR D 144 6.52 15.29 -1.43
C TYR D 144 6.84 15.43 0.06
N HIS D 145 8.11 15.46 0.46
CA HIS D 145 8.49 15.45 1.86
C HIS D 145 9.21 16.74 2.23
CHA HEM E . -17.70 10.60 -9.23
CHB HEM E . -18.62 7.93 -5.32
CHC HEM E . -13.89 7.54 -4.50
CHD HEM E . -13.04 10.75 -7.99
C1A HEM E . -18.34 9.89 -8.25
C2A HEM E . -19.77 9.79 -8.14
C3A HEM E . -20.02 9.03 -7.06
C4A HEM E . -18.77 8.70 -6.45
CMA HEM E . -21.37 8.62 -6.53
CAA HEM E . -20.78 10.38 -9.10
CBA HEM E . -21.13 9.36 -10.18
CGA HEM E . -22.01 9.91 -11.29
O1A HEM E . -22.19 11.15 -11.45
O2A HEM E . -22.60 9.09 -12.01
C1B HEM E . -17.40 7.54 -4.77
C2B HEM E . -17.25 6.68 -3.64
C3B HEM E . -15.92 6.55 -3.41
C4B HEM E . -15.26 7.40 -4.45
CMB HEM E . -18.38 6.00 -2.87
CAB HEM E . -15.19 5.83 -2.37
CBB HEM E . -15.66 5.40 -1.24
C1C HEM E . -13.23 8.42 -5.36
C2C HEM E . -11.84 8.76 -5.27
C3C HEM E . -11.62 9.69 -6.24
C4C HEM E . -12.87 9.89 -6.95
CMC HEM E . -10.89 8.18 -4.29
CAC HEM E . -10.38 10.43 -6.52
CBC HEM E . -9.51 10.90 -5.61
C1D HEM E . -14.24 10.97 -8.66
C2D HEM E . -14.38 11.82 -9.81
C3D HEM E . -15.70 11.77 -10.17
C4D HEM E . -16.31 10.85 -9.18
CMD HEM E . -13.28 12.60 -10.49
CAD HEM E . -16.38 12.47 -11.30
CBD HEM E . -16.65 13.92 -10.89
CGD HEM E . -17.70 14.61 -11.66
O1D HEM E . -17.61 15.81 -11.83
O2D HEM E . -18.71 14.00 -12.03
NA HEM E . -17.73 9.25 -7.18
NB HEM E . -16.20 7.96 -5.21
NC HEM E . -13.83 9.12 -6.34
ND HEM E . -15.41 10.38 -8.28
FE HEM E . -15.80 9.20 -6.78
C CMO F . -15.83 10.55 -5.73
O CMO F . -15.84 11.46 -4.96
CHA HEM G . 8.57 1.06 21.02
CHB HEM G . 7.35 5.24 18.95
CHC HEM G . 5.03 2.82 15.47
CHD HEM G . 6.12 -1.35 17.70
C1A HEM G . 8.44 2.40 20.76
C2A HEM G . 8.98 3.46 21.58
C3A HEM G . 8.58 4.61 21.00
C4A HEM G . 7.84 4.30 19.83
CMA HEM G . 8.88 6.03 21.46
CAA HEM G . 9.78 3.34 22.85
CBA HEM G . 8.97 3.52 24.10
CGA HEM G . 9.93 3.52 25.24
O1A HEM G . 10.15 2.46 25.82
O2A HEM G . 10.53 4.58 25.58
C1B HEM G . 6.65 4.95 17.79
C2B HEM G . 6.14 5.91 16.87
C3B HEM G . 5.50 5.24 15.88
C4B HEM G . 5.59 3.82 16.27
CMB HEM G . 6.30 7.43 16.96
CAB HEM G . 4.76 5.69 14.67
CBB HEM G . 4.34 6.90 14.45
C1C HEM G . 5.06 1.48 15.78
C2C HEM G . 4.39 0.48 15.08
C3C HEM G . 4.66 -0.72 15.71
C4C HEM G . 5.59 -0.44 16.79
CMC HEM G . 3.50 0.72 13.90
CAC HEM G . 4.22 -2.09 15.43
CBC HEM G . 3.18 -2.37 14.71
C1D HEM G . 6.91 -1.01 18.78
C2D HEM G . 7.42 -2.03 19.70
C3D HEM G . 8.11 -1.36 20.65
C4D HEM G . 8.00 0.07 20.26
CMD HEM G . 7.17 -3.50 19.58
CAD HEM G . 8.82 -1.97 21.83
CBD HEM G . 7.78 -2.59 22.77
CGD HEM G . 8.46 -3.31 23.90
O1D HEM G . 9.42 -2.76 24.47
O2D HEM G . 8.09 -4.46 24.23
NA HEM G . 7.75 2.94 19.68
NB HEM G . 6.35 3.72 17.43
NC HEM G . 5.76 0.92 16.80
ND HEM G . 7.26 0.24 19.14
FE HEM G . 6.79 1.91 18.28
C CMO H . 5.16 1.94 19.13
O CMO H . 4.14 1.70 19.67
CHA HEM I . 3.23 -21.70 6.47
CHB HEM I . 1.37 -20.97 2.07
CHC HEM I . 2.45 -16.27 2.40
CHD HEM I . 4.81 -17.14 6.51
C1A HEM I . 2.62 -21.90 5.25
C2A HEM I . 2.18 -23.19 4.77
C3A HEM I . 1.66 -22.98 3.53
C4A HEM I . 1.82 -21.57 3.21
CMA HEM I . 1.09 -24.01 2.58
CAA HEM I . 2.29 -24.48 5.51
CBA HEM I . 1.10 -24.69 6.45
CGA HEM I . 1.17 -25.96 7.25
O1A HEM I . 2.23 -26.59 7.36
O2A HEM I . 0.12 -26.38 7.77
C1B HEM I . 1.47 -19.62 1.81
C2B HEM I . 0.96 -19.02 0.59
C3B HEM I . 1.23 -17.67 0.70
C4B HEM I . 1.95 -17.49 1.99
CMB HEM I . 0.19 -19.72 -0.51
CAB HEM I . 1.01 -16.58 -0.23
CBB HEM I . 0.78 -16.72 -1.53
C1C HEM I . 3.22 -16.09 3.54
C2C HEM I . 3.89 -14.88 3.88
C3C HEM I . 4.62 -15.14 5.03
C4C HEM I . 4.31 -16.51 5.41
CMC HEM I . 3.83 -13.58 3.11
CAC HEM I . 5.54 -14.24 5.74
CBC HEM I . 6.37 -13.34 5.19
C1D HEM I . 4.55 -18.45 6.84
C2D HEM I . 5.04 -19.05 8.07
C3D HEM I . 4.58 -20.34 8.07
C4D HEM I . 3.82 -20.49 6.82
CMD HEM I . 5.93 -18.33 9.09
CAD HEM I . 4.81 -21.42 9.09
CBD HEM I . 6.21 -22.05 8.90
CGD HEM I . 6.43 -23.35 9.60
O1D HEM I . 5.62 -23.87 10.37
O2D HEM I . 7.49 -23.94 9.39
NA HEM I . 2.41 -20.91 4.27
NB HEM I . 2.05 -18.68 2.58
NC HEM I . 3.47 -17.07 4.46
ND HEM I . 3.80 -19.31 6.15
FE HEM I . 2.96 -19.01 4.38
C CMO J . 4.52 -19.32 3.55
O CMO J . 5.53 -19.37 2.95
CHA HEM K . 8.10 11.46 -17.74
CHB HEM K . 11.17 8.62 -15.41
CHC HEM K . 7.49 6.75 -12.83
CHD HEM K . 4.41 9.31 -15.55
C1A HEM K . 9.24 10.84 -17.33
C2A HEM K . 10.53 11.10 -17.87
C3A HEM K . 11.41 10.25 -17.25
C4A HEM K . 10.66 9.49 -16.31
CMA HEM K . 12.91 10.13 -17.43
CAA HEM K . 10.88 12.11 -18.90
CBA HEM K . 11.09 11.52 -20.27
CGA HEM K . 11.49 12.59 -21.25
O1A HEM K . 12.68 12.87 -21.38
O2A HEM K . 10.61 13.12 -21.92
C1B HEM K . 10.44 7.90 -14.44
C2B HEM K . 11.03 7.03 -13.46
C3B HEM K . 9.98 6.50 -12.72
C4B HEM K . 8.74 7.07 -13.30
CMB HEM K . 12.52 6.76 -13.29
CAB HEM K . 9.93 5.55 -11.59
CBB HEM K . 10.91 4.91 -11.06
C1C HEM K . 6.34 7.24 -13.39
C2C HEM K . 5.05 6.79 -13.05
C3C HEM K . 4.15 7.52 -13.79
C4C HEM K . 4.93 8.42 -14.62
CMC HEM K . 4.73 5.73 -12.04
CAC HEM K . 2.65 7.44 -13.87
CBC HEM K . 1.93 6.53 -13.29
C1D HEM K . 5.16 10.14 -16.36
C2D HEM K . 4.58 11.09 -17.27
C3D HEM K . 5.63 11.73 -17.86
C4D HEM K . 6.84 11.09 -17.29
CMD HEM K . 3.10 11.34 -17.42
CAD HEM K . 5.54 12.80 -18.90
CBD HEM K . 5.01 12.20 -20.18
CGD HEM K . 4.74 13.22 -21.23
O1D HEM K . 3.59 13.47 -21.61
O2D HEM K . 5.66 13.86 -21.74
NA HEM K . 9.32 9.84 -16.37
NB HEM K . 9.11 7.93 -14.31
NC HEM K . 6.28 8.21 -14.35
ND HEM K . 6.52 10.14 -16.38
FE HEM K . 7.79 9.03 -15.41
C CMO L . 7.52 7.75 -16.59
O CMO L . 7.24 6.89 -17.36
#